data_3FMD
#
_entry.id   3FMD
#
_cell.length_a   77.510
_cell.length_b   73.660
_cell.length_c   87.740
_cell.angle_alpha   90.000
_cell.angle_beta   90.000
_cell.angle_gamma   90.000
#
_symmetry.space_group_name_H-M   'P 21 21 21'
#
loop_
_entity.id
_entity.type
_entity.pdbx_description
1 polymer 'Serine/threonine-protein kinase haspin'
2 non-polymer 'N-[2-(4-BROMOCINNAMYLAMINO)ETHYL]-5-ISOQUINOLINE SULFONAMIDE'
3 non-polymer 'NICKEL (II) ION'
4 non-polymer 1,2-ETHANEDIOL
5 water water
#
_entity_poly.entity_id   1
_entity_poly.type   'polypeptide(L)'
_entity_poly.pdbx_seq_one_letter_code
;MHHHHHHSSGVDLGTENLYFQSMGECSQKGPVPFSHCLPTEKLQRCEKIGEGVFGEVFQTIADHTPVAIKIIAIEGPDLV
NGSHQKTFEEILPEIIISKELSLLSGEVCNRTEGFIGLNSVHCVQGSYPPLLLKAWDHYNSTKGSANDRPDFFKDDQLFI
VLEFEFGGIDLEQMRTKLSSLATAKSILHQLTASLAVAEASLRFEHRDLHWGNVLLKKTSLKKLHYTLNGKSSTIPSCGL
QVSIIDYTLSRLERDGIVVFCDVSMDEDLFTGDGDYQFDIYRLMKKENNNRWGEYHPYSNVLWLHYLTDKMLKQMTFKTK
CNTPAMKQIKRKIQEFHRTMLNFSSATDLLCQHSLFK
;
_entity_poly.pdbx_strand_id   A
#
# COMPACT_ATOMS: atom_id res chain seq x y z
N LYS A 29 22.79 14.26 9.81
CA LYS A 29 23.37 13.15 10.62
C LYS A 29 24.21 12.16 9.77
N GLY A 30 24.24 12.34 8.43
CA GLY A 30 24.93 11.43 7.48
C GLY A 30 24.43 9.98 7.46
N PRO A 31 24.65 9.23 6.38
CA PRO A 31 24.10 7.86 6.43
C PRO A 31 24.50 7.05 7.65
N VAL A 32 23.72 6.04 7.99
CA VAL A 32 24.07 5.16 9.09
C VAL A 32 24.45 3.80 8.50
N PRO A 33 25.14 2.94 9.28
CA PRO A 33 25.40 1.58 8.83
C PRO A 33 24.15 0.71 8.91
N PHE A 34 24.18 -0.43 8.22
CA PHE A 34 23.05 -1.35 8.30
C PHE A 34 22.79 -1.81 9.73
N SER A 35 23.83 -1.91 10.56
CA SER A 35 23.68 -2.31 11.98
C SER A 35 22.85 -1.30 12.81
N HIS A 36 22.87 -0.05 12.41
CA HIS A 36 22.01 0.90 13.09
C HIS A 36 20.54 0.45 12.99
N CYS A 37 20.12 0.00 11.80
CA CYS A 37 18.77 -0.47 11.58
C CYS A 37 18.53 -1.90 12.04
N LEU A 38 19.52 -2.75 11.83
CA LEU A 38 19.42 -4.16 12.10
C LEU A 38 20.51 -4.54 13.08
N PRO A 39 20.30 -4.22 14.34
CA PRO A 39 21.23 -4.71 15.33
C PRO A 39 21.28 -6.22 15.23
N THR A 40 22.33 -6.80 15.82
CA THR A 40 22.73 -8.16 15.51
C THR A 40 21.57 -9.13 15.67
N GLU A 41 20.80 -9.04 16.76
CA GLU A 41 19.69 -9.95 16.95
C GLU A 41 18.52 -9.70 16.00
N LYS A 42 18.23 -8.44 15.67
CA LYS A 42 17.22 -8.14 14.66
C LYS A 42 17.68 -8.70 13.33
N LEU A 43 18.98 -8.58 13.06
CA LEU A 43 19.55 -8.96 11.78
C LEU A 43 19.59 -10.48 11.63
N GLN A 44 19.85 -11.19 12.73
CA GLN A 44 19.84 -12.64 12.71
C GLN A 44 18.45 -13.25 12.45
N ARG A 45 17.39 -12.51 12.72
CA ARG A 45 16.01 -13.02 12.62
C ARG A 45 15.32 -12.64 11.33
N CYS A 46 15.96 -11.82 10.52
CA CYS A 46 15.41 -11.44 9.24
C CYS A 46 15.07 -12.62 8.35
N GLU A 47 13.86 -12.66 7.81
CA GLU A 47 13.53 -13.54 6.68
C GLU A 47 12.90 -12.69 5.62
N LYS A 48 13.20 -12.98 4.35
CA LYS A 48 12.66 -12.19 3.29
C LYS A 48 11.16 -12.47 3.14
N ILE A 49 10.35 -11.41 3.02
CA ILE A 49 8.88 -11.58 2.80
C ILE A 49 8.28 -11.02 1.51
N GLY A 50 9.00 -10.14 0.83
CA GLY A 50 8.53 -9.67 -0.45
C GLY A 50 9.63 -8.98 -1.22
N GLU A 51 9.28 -8.56 -2.44
CA GLU A 51 10.20 -7.91 -3.35
C GLU A 51 9.49 -7.10 -4.40
N GLY A 52 10.29 -6.32 -5.12
CA GLY A 52 9.82 -5.64 -6.30
C GLY A 52 11.02 -5.06 -7.00
N VAL A 53 10.76 -4.33 -8.07
CA VAL A 53 11.82 -3.70 -8.81
C VAL A 53 12.55 -2.80 -7.80
N PHE A 54 11.78 -2.14 -6.91
CA PHE A 54 12.34 -1.27 -5.87
C PHE A 54 13.44 -1.90 -5.04
N GLY A 55 13.44 -3.22 -4.89
CA GLY A 55 14.30 -3.82 -3.87
C GLY A 55 13.66 -4.96 -3.09
N GLU A 56 13.86 -4.97 -1.76
CA GLU A 56 13.62 -6.17 -0.93
C GLU A 56 12.87 -5.84 0.35
N VAL A 57 12.01 -6.75 0.86
CA VAL A 57 11.33 -6.52 2.17
C VAL A 57 11.66 -7.71 3.03
N PHE A 58 12.17 -7.43 4.22
CA PHE A 58 12.51 -8.47 5.22
C PHE A 58 11.63 -8.29 6.43
N GLN A 59 11.33 -9.39 7.11
CA GLN A 59 10.56 -9.40 8.32
C GLN A 59 11.57 -9.65 9.38
N THR A 60 11.57 -8.86 10.42
CA THR A 60 12.28 -9.27 11.62
C THR A 60 11.36 -9.10 12.83
N ILE A 61 11.88 -9.38 14.01
CA ILE A 61 11.08 -9.42 15.20
C ILE A 61 11.79 -8.60 16.27
N ALA A 62 11.05 -7.62 16.82
CA ALA A 62 11.47 -6.88 18.01
C ALA A 62 10.34 -6.96 19.06
N ASP A 63 10.69 -7.27 20.29
CA ASP A 63 9.73 -7.35 21.38
C ASP A 63 8.52 -8.19 20.96
N HIS A 64 8.87 -9.40 20.51
CA HIS A 64 7.90 -10.45 20.12
C HIS A 64 6.96 -10.05 19.01
N THR A 65 7.34 -9.04 18.20
CA THR A 65 6.43 -8.45 17.24
C THR A 65 7.13 -8.30 15.91
N PRO A 66 6.48 -8.74 14.82
CA PRO A 66 7.17 -8.59 13.54
C PRO A 66 7.14 -7.16 13.04
N VAL A 67 8.13 -6.82 12.23
CA VAL A 67 8.18 -5.54 11.53
C VAL A 67 8.59 -5.85 10.08
N ALA A 68 8.26 -4.94 9.16
CA ALA A 68 8.59 -5.14 7.74
C ALA A 68 9.57 -4.05 7.36
N ILE A 69 10.73 -4.46 6.81
CA ILE A 69 11.85 -3.57 6.49
C ILE A 69 12.08 -3.57 4.97
N LYS A 70 11.77 -2.43 4.35
CA LYS A 70 11.91 -2.22 2.92
C LYS A 70 13.24 -1.57 2.67
N ILE A 71 14.07 -2.20 1.84
CA ILE A 71 15.42 -1.69 1.59
C ILE A 71 15.52 -1.38 0.09
N ILE A 72 15.84 -0.12 -0.21
CA ILE A 72 15.80 0.44 -1.57
C ILE A 72 17.15 1.08 -1.85
N ALA A 73 17.87 0.57 -2.85
CA ALA A 73 19.15 1.13 -3.27
C ALA A 73 18.88 2.46 -3.97
N ILE A 74 19.69 3.47 -3.66
CA ILE A 74 19.60 4.77 -4.31
C ILE A 74 20.96 5.28 -4.73
N GLU A 75 20.94 6.22 -5.68
CA GLU A 75 22.07 7.02 -6.13
C GLU A 75 23.22 6.28 -6.83
N GLY A 76 23.07 4.97 -7.04
CA GLY A 76 24.19 4.18 -7.55
C GLY A 76 24.05 3.99 -9.05
N PRO A 77 25.13 3.52 -9.70
CA PRO A 77 25.07 3.33 -11.14
C PRO A 77 24.50 1.97 -11.59
N ASP A 78 24.51 0.95 -10.74
CA ASP A 78 24.07 -0.37 -11.20
C ASP A 78 22.59 -0.43 -11.58
N LEU A 79 22.27 -1.07 -12.71
CA LEU A 79 20.90 -1.52 -12.93
C LEU A 79 20.60 -2.45 -11.77
N VAL A 80 19.45 -2.26 -11.13
CA VAL A 80 18.99 -3.13 -10.05
C VAL A 80 17.60 -3.62 -10.44
N ASN A 81 17.48 -4.94 -10.55
CA ASN A 81 16.23 -5.55 -11.05
C ASN A 81 15.71 -4.94 -12.36
N GLY A 82 16.65 -4.58 -13.23
CA GLY A 82 16.37 -4.19 -14.61
C GLY A 82 16.11 -2.70 -14.77
N SER A 83 16.09 -1.96 -13.65
CA SER A 83 15.93 -0.50 -13.68
C SER A 83 17.09 0.23 -13.01
N HIS A 84 17.29 1.48 -13.39
CA HIS A 84 18.22 2.32 -12.67
C HIS A 84 17.68 2.76 -11.33
N GLN A 85 18.62 3.02 -10.42
CA GLN A 85 18.28 3.36 -9.07
C GLN A 85 17.72 4.78 -9.03
N LYS A 86 16.77 5.02 -8.13
CA LYS A 86 16.31 6.38 -7.88
C LYS A 86 17.38 7.27 -7.18
N THR A 87 17.32 8.56 -7.47
CA THR A 87 18.11 9.55 -6.76
C THR A 87 17.39 9.89 -5.44
N PHE A 88 18.07 10.62 -4.56
CA PHE A 88 17.43 10.99 -3.33
C PHE A 88 16.20 11.88 -3.64
N GLU A 89 16.35 12.80 -4.61
CA GLU A 89 15.27 13.71 -4.98
C GLU A 89 14.05 12.85 -5.40
N GLU A 90 14.32 11.75 -6.10
CA GLU A 90 13.26 10.87 -6.61
C GLU A 90 12.56 9.97 -5.58
N ILE A 91 13.30 9.56 -4.56
CA ILE A 91 12.78 8.68 -3.48
C ILE A 91 12.09 9.45 -2.34
N LEU A 92 12.37 10.77 -2.26
CA LEU A 92 11.83 11.66 -1.22
C LEU A 92 10.28 11.66 -1.16
N PRO A 93 9.62 11.78 -2.31
CA PRO A 93 8.14 11.76 -2.19
C PRO A 93 7.57 10.48 -1.50
N GLU A 94 8.11 9.29 -1.77
CA GLU A 94 7.62 8.08 -1.11
C GLU A 94 7.86 8.21 0.38
N ILE A 95 9.03 8.75 0.74
CA ILE A 95 9.36 8.96 2.15
C ILE A 95 8.39 9.93 2.82
N ILE A 96 8.20 11.08 2.22
CA ILE A 96 7.28 12.10 2.76
C ILE A 96 5.87 11.49 2.88
N ILE A 97 5.42 10.85 1.82
CA ILE A 97 4.07 10.35 1.80
C ILE A 97 3.90 9.30 2.86
N SER A 98 4.84 8.37 2.99
CA SER A 98 4.70 7.33 4.01
C SER A 98 4.58 7.98 5.42
N LYS A 99 5.35 9.03 5.71
CA LYS A 99 5.26 9.69 7.07
C LYS A 99 3.93 10.36 7.30
N GLU A 100 3.48 11.13 6.29
CA GLU A 100 2.22 11.83 6.42
C GLU A 100 1.10 10.87 6.72
N LEU A 101 0.99 9.84 5.91
CA LEU A 101 -0.16 8.93 6.05
C LEU A 101 -0.11 8.14 7.38
N SER A 102 1.10 7.79 7.83
CA SER A 102 1.23 7.14 9.12
C SER A 102 0.79 8.08 10.27
N LEU A 103 1.17 9.35 10.16
CA LEU A 103 0.81 10.34 11.19
C LEU A 103 -0.70 10.56 11.34
N LEU A 104 -1.49 10.22 10.32
CA LEU A 104 -2.97 10.23 10.46
C LEU A 104 -3.51 9.47 11.66
N SER A 105 -2.79 8.45 12.13
CA SER A 105 -3.25 7.70 13.30
C SER A 105 -3.17 8.49 14.59
N GLY A 106 -2.42 9.58 14.60
CA GLY A 106 -2.33 10.47 15.75
C GLY A 106 -3.00 11.82 15.65
N GLU A 107 -3.72 12.06 14.55
CA GLU A 107 -4.43 13.33 14.34
C GLU A 107 -5.86 13.32 14.94
N VAL A 108 -6.53 14.47 14.91
CA VAL A 108 -7.85 14.60 15.56
C VAL A 108 -9.02 14.73 14.61
N CYS A 109 -8.93 15.69 13.67
CA CYS A 109 -10.05 15.99 12.76
C CYS A 109 -10.19 14.95 11.70
N ASN A 110 -9.04 14.54 11.18
CA ASN A 110 -8.93 13.56 10.15
C ASN A 110 -7.90 12.52 10.61
N ARG A 111 -8.45 11.45 11.17
CA ARG A 111 -7.74 10.38 11.85
C ARG A 111 -8.12 9.02 11.27
N THR A 112 -7.10 8.21 11.03
CA THR A 112 -7.24 6.83 10.62
C THR A 112 -5.92 6.07 10.82
N GLU A 113 -6.07 4.80 11.16
CA GLU A 113 -4.94 3.89 11.20
C GLU A 113 -4.85 3.05 9.90
N GLY A 114 -5.55 3.45 8.84
CA GLY A 114 -5.74 2.60 7.67
C GLY A 114 -4.59 2.55 6.69
N PHE A 115 -3.59 3.39 6.93
CA PHE A 115 -2.33 3.35 6.18
C PHE A 115 -1.22 2.70 7.00
N ILE A 116 -0.22 2.13 6.34
CA ILE A 116 0.76 1.35 7.07
C ILE A 116 1.49 2.27 8.02
N GLY A 117 1.70 1.79 9.24
CA GLY A 117 2.55 2.50 10.20
C GLY A 117 4.02 2.54 9.81
N LEU A 118 4.60 3.73 9.79
CA LEU A 118 6.05 3.93 9.61
C LEU A 118 6.79 4.08 10.95
N ASN A 119 7.48 3.03 11.41
CA ASN A 119 8.28 3.16 12.64
C ASN A 119 9.47 4.09 12.49
N SER A 120 10.19 3.96 11.38
CA SER A 120 11.39 4.80 11.12
C SER A 120 11.83 4.75 9.64
N VAL A 121 12.71 5.67 9.31
CA VAL A 121 13.32 5.72 8.00
C VAL A 121 14.76 6.25 8.16
N HIS A 122 15.69 5.58 7.50
CA HIS A 122 17.10 5.95 7.56
C HIS A 122 17.66 5.90 6.19
N CYS A 123 18.72 6.67 6.02
CA CYS A 123 19.58 6.56 4.90
C CYS A 123 20.80 5.80 5.38
N VAL A 124 21.01 4.65 4.75
CA VAL A 124 22.03 3.68 5.13
C VAL A 124 23.16 3.66 4.08
N GLN A 125 24.39 3.58 4.55
CA GLN A 125 25.53 3.40 3.67
C GLN A 125 26.30 2.08 3.97
N GLY A 126 26.50 1.26 2.93
CA GLY A 126 27.40 0.13 3.02
C GLY A 126 27.07 -0.94 1.99
N SER A 127 27.83 -2.01 2.00
CA SER A 127 27.49 -3.16 1.15
C SER A 127 26.38 -3.96 1.83
N TYR A 128 25.69 -4.78 1.06
CA TYR A 128 24.55 -5.52 1.58
C TYR A 128 25.02 -6.55 2.62
N PRO A 129 24.32 -6.63 3.75
CA PRO A 129 24.72 -7.55 4.78
C PRO A 129 24.68 -9.04 4.37
N PRO A 130 25.78 -9.78 4.62
CA PRO A 130 25.78 -11.22 4.34
C PRO A 130 24.59 -11.97 4.92
N LEU A 131 24.18 -11.61 6.13
CA LEU A 131 23.01 -12.27 6.71
C LEU A 131 21.73 -11.99 5.94
N LEU A 132 21.59 -10.83 5.31
CA LEU A 132 20.44 -10.53 4.42
C LEU A 132 20.50 -11.31 3.06
N LEU A 133 21.70 -11.44 2.47
CA LEU A 133 21.92 -12.36 1.37
C LEU A 133 21.50 -13.79 1.75
N LYS A 134 21.77 -14.19 3.00
CA LYS A 134 21.41 -15.53 3.39
C LYS A 134 19.91 -15.69 3.26
N ALA A 135 19.18 -14.72 3.82
CA ALA A 135 17.71 -14.76 3.83
C ALA A 135 17.15 -14.67 2.39
N TRP A 136 17.80 -13.83 1.59
CA TRP A 136 17.47 -13.64 0.18
C TRP A 136 17.60 -14.94 -0.64
N ASP A 137 18.73 -15.63 -0.42
CA ASP A 137 18.97 -16.94 -1.04
C ASP A 137 17.91 -17.96 -0.59
N HIS A 138 17.59 -18.01 0.71
CA HIS A 138 16.55 -18.94 1.17
C HIS A 138 15.21 -18.72 0.46
N TYR A 139 14.84 -17.47 0.28
CA TYR A 139 13.65 -17.10 -0.47
C TYR A 139 13.67 -17.56 -1.94
N ASN A 140 14.74 -17.19 -2.64
CA ASN A 140 14.97 -17.63 -4.00
C ASN A 140 14.82 -19.13 -4.16
N SER A 141 15.35 -19.89 -3.22
CA SER A 141 15.28 -21.33 -3.26
C SER A 141 13.87 -21.88 -3.04
N THR A 142 13.07 -21.20 -2.25
CA THR A 142 11.80 -21.75 -1.83
C THR A 142 10.68 -21.17 -2.67
N LYS A 143 10.67 -19.84 -2.80
CA LYS A 143 9.64 -19.13 -3.55
C LYS A 143 10.08 -18.76 -4.96
N GLY A 144 11.37 -18.56 -5.19
CA GLY A 144 11.78 -17.96 -6.45
C GLY A 144 11.78 -16.46 -6.33
N SER A 145 12.70 -15.83 -7.05
CA SER A 145 12.80 -14.36 -7.11
C SER A 145 12.92 -13.84 -8.54
N ALA A 146 12.34 -12.68 -8.79
CA ALA A 146 12.52 -11.95 -10.04
C ALA A 146 13.77 -11.06 -9.97
N ASN A 147 14.36 -10.97 -8.79
CA ASN A 147 15.39 -9.96 -8.54
C ASN A 147 16.82 -10.46 -8.70
N ASP A 148 17.73 -9.53 -9.01
CA ASP A 148 19.18 -9.80 -8.97
C ASP A 148 19.55 -10.01 -7.54
N ARG A 149 20.43 -10.99 -7.26
CA ARG A 149 20.98 -11.17 -5.93
C ARG A 149 21.78 -9.90 -5.60
N PRO A 150 21.50 -9.26 -4.46
CA PRO A 150 22.05 -7.94 -4.18
C PRO A 150 23.40 -7.99 -3.52
N ASP A 151 24.36 -8.53 -4.23
CA ASP A 151 25.62 -8.87 -3.65
C ASP A 151 26.75 -8.08 -4.31
N PHE A 152 26.39 -7.11 -5.12
CA PHE A 152 27.33 -6.46 -6.01
C PHE A 152 27.57 -5.01 -5.59
N PHE A 153 26.97 -4.63 -4.46
CA PHE A 153 27.09 -3.29 -3.89
C PHE A 153 28.42 -3.09 -3.14
N LYS A 154 28.99 -1.91 -3.34
CA LYS A 154 30.22 -1.49 -2.70
C LYS A 154 29.94 -0.77 -1.39
N ASP A 155 31.01 -0.52 -0.63
CA ASP A 155 30.84 0.01 0.72
C ASP A 155 30.41 1.48 0.73
N ASP A 156 30.34 2.15 -0.43
CA ASP A 156 29.81 3.52 -0.46
C ASP A 156 28.32 3.55 -0.88
N GLN A 157 27.74 2.39 -1.10
CA GLN A 157 26.38 2.34 -1.61
C GLN A 157 25.40 2.94 -0.63
N LEU A 158 24.49 3.78 -1.14
CA LEU A 158 23.41 4.33 -0.35
C LEU A 158 22.14 3.51 -0.50
N PHE A 159 21.38 3.48 0.59
CA PHE A 159 20.04 2.84 0.65
C PHE A 159 19.10 3.65 1.47
N ILE A 160 17.82 3.56 1.15
CA ILE A 160 16.79 4.04 2.02
C ILE A 160 16.21 2.80 2.64
N VAL A 161 16.13 2.83 3.97
CA VAL A 161 15.56 1.72 4.74
C VAL A 161 14.37 2.23 5.51
N LEU A 162 13.21 1.68 5.19
CA LEU A 162 11.94 2.06 5.76
C LEU A 162 11.50 0.90 6.62
N GLU A 163 11.45 1.12 7.94
CA GLU A 163 10.85 0.15 8.86
C GLU A 163 9.37 0.43 9.10
N PHE A 164 8.54 -0.46 8.58
CA PHE A 164 7.11 -0.39 8.79
C PHE A 164 6.66 -1.35 9.86
N GLU A 165 5.64 -0.91 10.58
CA GLU A 165 4.83 -1.79 11.38
C GLU A 165 4.30 -2.89 10.45
N PHE A 166 4.29 -4.13 10.92
CA PHE A 166 3.86 -5.28 10.10
C PHE A 166 2.33 -5.27 9.81
N GLY A 167 1.96 -5.38 8.53
CA GLY A 167 0.62 -5.10 8.10
C GLY A 167 -0.16 -6.31 7.71
N GLY A 168 0.52 -7.44 7.64
CA GLY A 168 -0.09 -8.69 7.21
C GLY A 168 0.24 -9.10 5.78
N ILE A 169 -0.75 -9.70 5.14
CA ILE A 169 -0.62 -10.44 3.87
C ILE A 169 -1.51 -9.73 2.85
N ASP A 170 -1.01 -9.52 1.66
CA ASP A 170 -1.74 -8.75 0.66
C ASP A 170 -3.00 -9.48 0.20
N LEU A 171 -3.98 -8.70 -0.26
CA LEU A 171 -5.23 -9.22 -0.78
C LEU A 171 -5.03 -10.25 -1.90
N GLU A 172 -4.03 -10.11 -2.78
CA GLU A 172 -3.89 -11.12 -3.85
CA GLU A 172 -3.84 -11.11 -3.85
C GLU A 172 -3.57 -12.45 -3.20
N GLN A 173 -2.66 -12.45 -2.22
CA GLN A 173 -2.33 -13.68 -1.52
C GLN A 173 -3.49 -14.25 -0.69
N MET A 174 -4.39 -13.38 -0.24
CA MET A 174 -5.56 -13.78 0.53
C MET A 174 -6.79 -14.07 -0.35
N ARG A 175 -6.61 -13.98 -1.66
CA ARG A 175 -7.59 -14.35 -2.71
C ARG A 175 -8.59 -15.47 -2.37
N THR A 176 -8.06 -16.54 -1.81
CA THR A 176 -8.79 -17.76 -1.55
C THR A 176 -9.13 -17.88 -0.06
N LYS A 177 -8.92 -16.81 0.70
CA LYS A 177 -8.86 -16.93 2.14
C LYS A 177 -9.77 -16.01 2.93
N LEU A 178 -10.58 -15.23 2.22
CA LEU A 178 -11.59 -14.41 2.86
C LEU A 178 -12.80 -15.28 3.23
N SER A 179 -13.32 -15.06 4.44
CA SER A 179 -14.46 -15.86 4.88
C SER A 179 -15.70 -15.71 3.97
N SER A 180 -16.14 -14.48 3.75
CA SER A 180 -17.44 -14.19 3.14
C SER A 180 -17.47 -12.87 2.42
N LEU A 181 -18.60 -12.59 1.80
CA LEU A 181 -18.78 -11.29 1.14
C LEU A 181 -18.88 -10.15 2.17
N ALA A 182 -19.23 -10.48 3.42
CA ALA A 182 -19.22 -9.49 4.50
C ALA A 182 -17.78 -9.08 4.76
N THR A 183 -16.86 -10.04 4.63
CA THR A 183 -15.42 -9.76 4.78
C THR A 183 -15.04 -8.80 3.66
N ALA A 184 -15.49 -9.07 2.44
CA ALA A 184 -15.12 -8.21 1.30
C ALA A 184 -15.74 -6.82 1.45
N LYS A 185 -16.94 -6.78 2.00
CA LYS A 185 -17.58 -5.49 2.27
C LYS A 185 -16.80 -4.68 3.34
N SER A 186 -16.38 -5.32 4.42
CA SER A 186 -15.56 -4.63 5.44
C SER A 186 -14.30 -4.10 4.84
N ILE A 187 -13.63 -4.90 4.00
CA ILE A 187 -12.39 -4.46 3.39
C ILE A 187 -12.61 -3.21 2.49
N LEU A 188 -13.64 -3.24 1.66
CA LEU A 188 -13.92 -2.07 0.80
C LEU A 188 -14.34 -0.86 1.67
N HIS A 189 -15.05 -1.11 2.78
CA HIS A 189 -15.46 0.02 3.63
C HIS A 189 -14.20 0.62 4.24
N GLN A 190 -13.32 -0.23 4.77
CA GLN A 190 -12.04 0.25 5.37
C GLN A 190 -11.21 1.09 4.40
N LEU A 191 -11.07 0.59 3.19
CA LEU A 191 -10.31 1.29 2.15
C LEU A 191 -10.91 2.61 1.74
N THR A 192 -12.24 2.66 1.59
CA THR A 192 -12.92 3.89 1.25
C THR A 192 -12.75 4.97 2.34
N ALA A 193 -13.03 4.59 3.58
CA ALA A 193 -12.82 5.47 4.77
C ALA A 193 -11.38 6.02 4.86
N SER A 194 -10.40 5.13 4.70
CA SER A 194 -8.96 5.51 4.74
C SER A 194 -8.66 6.56 3.66
N LEU A 195 -9.05 6.25 2.44
CA LEU A 195 -8.84 7.18 1.36
C LEU A 195 -9.57 8.51 1.59
N ALA A 196 -10.80 8.46 2.09
CA ALA A 196 -11.57 9.69 2.40
C ALA A 196 -10.85 10.58 3.38
N VAL A 197 -10.39 10.01 4.50
CA VAL A 197 -9.66 10.79 5.57
C VAL A 197 -8.40 11.41 5.00
N ALA A 198 -7.68 10.65 4.15
CA ALA A 198 -6.47 11.14 3.48
C ALA A 198 -6.77 12.23 2.44
N GLU A 199 -7.89 12.08 1.74
CA GLU A 199 -8.35 13.12 0.83
C GLU A 199 -8.62 14.41 1.63
N ALA A 200 -9.32 14.29 2.77
CA ALA A 200 -9.78 15.47 3.49
C ALA A 200 -8.57 16.15 4.07
N SER A 201 -7.66 15.35 4.62
CA SER A 201 -6.52 15.89 5.34
C SER A 201 -5.36 16.37 4.42
N LEU A 202 -5.13 15.64 3.34
CA LEU A 202 -3.93 15.81 2.55
C LEU A 202 -4.14 15.90 1.03
N ARG A 203 -5.39 15.93 0.60
CA ARG A 203 -5.70 15.89 -0.83
C ARG A 203 -4.89 14.76 -1.52
N PHE A 204 -4.97 13.59 -0.90
CA PHE A 204 -4.23 12.39 -1.26
C PHE A 204 -4.91 11.66 -2.40
N GLU A 205 -4.09 11.23 -3.36
CA GLU A 205 -4.44 10.13 -4.27
C GLU A 205 -3.40 9.03 -4.19
N HIS A 206 -3.79 7.80 -3.91
CA HIS A 206 -2.83 6.68 -3.93
C HIS A 206 -2.26 6.42 -5.35
N ARG A 207 -3.14 6.42 -6.36
CA ARG A 207 -2.76 6.27 -7.79
C ARG A 207 -2.19 4.91 -8.22
N ASP A 208 -2.04 3.96 -7.28
CA ASP A 208 -1.59 2.61 -7.67
C ASP A 208 -2.02 1.53 -6.67
N LEU A 209 -3.29 1.54 -6.31
CA LEU A 209 -3.76 0.70 -5.24
C LEU A 209 -4.25 -0.62 -5.79
N HIS A 210 -3.33 -1.37 -6.37
CA HIS A 210 -3.62 -2.69 -6.89
C HIS A 210 -3.71 -3.63 -5.69
N TRP A 211 -4.15 -4.87 -5.92
CA TRP A 211 -4.40 -5.77 -4.77
C TRP A 211 -3.16 -6.32 -4.08
N GLY A 212 -1.98 -6.12 -4.65
CA GLY A 212 -0.76 -6.29 -3.86
C GLY A 212 -0.45 -5.24 -2.77
N ASN A 213 -1.16 -4.10 -2.80
CA ASN A 213 -0.99 -2.99 -1.87
C ASN A 213 -2.07 -2.78 -0.82
N VAL A 214 -2.87 -3.81 -0.62
CA VAL A 214 -3.88 -3.86 0.40
C VAL A 214 -3.50 -5.05 1.27
N LEU A 215 -2.97 -4.80 2.46
CA LEU A 215 -2.63 -5.85 3.42
C LEU A 215 -3.72 -6.09 4.45
N LEU A 216 -3.78 -7.33 4.90
CA LEU A 216 -4.83 -7.77 5.76
C LEU A 216 -4.19 -8.49 6.91
N LYS A 217 -4.60 -8.15 8.13
CA LYS A 217 -4.13 -8.83 9.32
C LYS A 217 -5.28 -9.05 10.27
N LYS A 218 -5.24 -10.12 11.04
CA LYS A 218 -6.28 -10.39 12.00
C LYS A 218 -6.35 -9.28 13.04
N THR A 219 -7.59 -8.94 13.43
CA THR A 219 -7.85 -8.09 14.58
C THR A 219 -8.92 -8.70 15.43
N SER A 220 -8.75 -8.68 16.74
CA SER A 220 -9.80 -9.07 17.68
C SER A 220 -10.84 -7.96 18.00
N LEU A 221 -10.65 -6.77 17.47
CA LEU A 221 -11.60 -5.68 17.67
C LEU A 221 -12.78 -5.86 16.70
N LYS A 222 -13.98 -5.79 17.22
CA LYS A 222 -15.20 -5.88 16.44
C LYS A 222 -15.41 -4.72 15.48
N LYS A 223 -15.02 -3.52 15.92
CA LYS A 223 -15.25 -2.30 15.16
C LYS A 223 -13.98 -1.48 15.06
N LEU A 224 -13.78 -0.84 13.90
CA LEU A 224 -12.64 0.02 13.66
C LEU A 224 -13.13 1.47 13.56
N HIS A 225 -12.28 2.41 13.99
CA HIS A 225 -12.69 3.82 14.10
C HIS A 225 -11.90 4.67 13.12
N TYR A 226 -12.58 5.67 12.58
CA TYR A 226 -11.95 6.74 11.82
C TYR A 226 -12.73 8.00 12.18
N THR A 227 -12.10 9.16 11.96
CA THR A 227 -12.70 10.45 12.13
C THR A 227 -12.51 11.22 10.82
N LEU A 228 -13.59 11.70 10.24
CA LEU A 228 -13.52 12.48 9.00
C LEU A 228 -14.12 13.87 9.20
N ASN A 229 -13.30 14.89 8.92
CA ASN A 229 -13.62 16.29 9.22
C ASN A 229 -14.33 16.45 10.55
N GLY A 230 -13.71 15.90 11.60
CA GLY A 230 -14.26 16.02 12.95
C GLY A 230 -15.35 15.05 13.37
N LYS A 231 -15.89 14.24 12.44
CA LYS A 231 -17.01 13.31 12.74
C LYS A 231 -16.49 11.91 12.86
N SER A 232 -16.63 11.27 14.02
CA SER A 232 -16.11 9.88 14.15
C SER A 232 -17.16 8.81 13.82
N SER A 233 -16.74 7.73 13.17
CA SER A 233 -17.65 6.66 12.77
C SER A 233 -16.92 5.37 12.94
N THR A 234 -17.65 4.28 12.86
CA THR A 234 -17.11 2.98 13.09
C THR A 234 -17.39 2.08 11.87
N ILE A 235 -16.52 1.08 11.67
CA ILE A 235 -16.65 0.06 10.62
C ILE A 235 -16.52 -1.35 11.26
N PRO A 236 -17.49 -2.24 11.00
CA PRO A 236 -17.25 -3.64 11.46
C PRO A 236 -16.09 -4.27 10.74
N SER A 237 -15.16 -4.80 11.52
CA SER A 237 -13.90 -5.32 10.99
C SER A 237 -14.05 -6.65 10.31
N CYS A 238 -15.05 -7.42 10.71
CA CYS A 238 -15.12 -8.85 10.34
C CYS A 238 -13.80 -9.57 10.60
N GLY A 239 -13.08 -9.15 11.65
CA GLY A 239 -11.89 -9.85 12.09
C GLY A 239 -10.63 -9.48 11.37
N LEU A 240 -10.70 -8.53 10.45
CA LEU A 240 -9.54 -8.03 9.71
C LEU A 240 -9.32 -6.51 9.80
N GLN A 241 -8.05 -6.14 9.82
CA GLN A 241 -7.61 -4.78 9.86
C GLN A 241 -6.81 -4.56 8.57
N VAL A 242 -7.28 -3.64 7.75
CA VAL A 242 -6.66 -3.36 6.44
C VAL A 242 -5.63 -2.23 6.56
N SER A 243 -4.45 -2.46 5.99
CA SER A 243 -3.41 -1.43 5.84
C SER A 243 -3.08 -1.24 4.33
N ILE A 244 -3.14 0.03 3.90
CA ILE A 244 -2.70 0.49 2.56
C ILE A 244 -1.17 0.78 2.59
N ILE A 245 -0.45 0.31 1.55
CA ILE A 245 0.98 0.43 1.44
C ILE A 245 1.32 0.88 0.02
N ASP A 246 2.61 1.17 -0.19
CA ASP A 246 3.24 1.51 -1.51
C ASP A 246 2.81 2.85 -2.10
N TYR A 247 3.60 3.88 -1.80
CA TYR A 247 3.24 5.23 -2.20
C TYR A 247 4.11 5.74 -3.34
N THR A 248 4.70 4.81 -4.08
CA THR A 248 5.63 5.12 -5.15
C THR A 248 5.03 6.03 -6.24
N LEU A 249 3.73 5.89 -6.49
CA LEU A 249 3.05 6.74 -7.49
C LEU A 249 2.11 7.80 -6.86
N SER A 250 2.04 7.85 -5.54
CA SER A 250 1.06 8.68 -4.83
C SER A 250 1.28 10.17 -4.91
N ARG A 251 0.22 10.90 -4.60
CA ARG A 251 0.24 12.37 -4.57
C ARG A 251 -0.50 12.92 -3.32
N LEU A 252 0.04 13.99 -2.76
CA LEU A 252 -0.59 14.69 -1.66
C LEU A 252 -0.05 16.08 -1.56
N GLU A 253 -0.64 16.85 -0.66
CA GLU A 253 -0.11 18.18 -0.36
C GLU A 253 -0.33 18.56 1.11
N ARG A 254 0.50 19.51 1.55
CA ARG A 254 0.34 20.14 2.86
C ARG A 254 0.63 21.62 2.69
N ASP A 255 -0.32 22.45 3.12
CA ASP A 255 -0.22 23.89 3.05
C ASP A 255 0.13 24.30 1.63
N GLY A 256 -0.51 23.68 0.67
CA GLY A 256 -0.34 24.06 -0.73
C GLY A 256 0.90 23.53 -1.41
N ILE A 257 1.77 22.84 -0.66
CA ILE A 257 2.95 22.24 -1.26
C ILE A 257 2.66 20.83 -1.72
N VAL A 258 2.74 20.58 -3.05
CA VAL A 258 2.40 19.27 -3.58
C VAL A 258 3.63 18.35 -3.68
N VAL A 259 3.42 17.09 -3.35
CA VAL A 259 4.39 16.06 -3.50
C VAL A 259 3.73 14.94 -4.30
N PHE A 260 4.37 14.57 -5.40
CA PHE A 260 3.83 13.58 -6.32
C PHE A 260 4.94 12.97 -7.18
N CYS A 261 4.53 11.96 -7.97
CA CYS A 261 5.38 11.30 -8.93
C CYS A 261 4.94 11.71 -10.35
N ASP A 262 5.77 12.47 -11.08
CA ASP A 262 5.38 12.92 -12.43
C ASP A 262 5.59 11.84 -13.49
N VAL A 263 4.52 11.16 -13.91
CA VAL A 263 4.61 10.05 -14.85
C VAL A 263 4.12 10.49 -16.24
N SER A 264 4.05 11.81 -16.45
CA SER A 264 3.47 12.34 -17.67
C SER A 264 4.23 11.92 -18.92
N MET A 265 5.54 11.69 -18.78
CA MET A 265 6.41 11.18 -19.85
C MET A 265 6.59 9.66 -19.89
N ASP A 266 6.09 8.95 -18.89
CA ASP A 266 6.22 7.50 -18.83
C ASP A 266 5.35 6.93 -19.95
N GLU A 267 5.91 6.08 -20.80
CA GLU A 267 5.18 5.44 -21.89
C GLU A 267 4.55 4.14 -21.34
N ASP A 268 5.41 3.30 -20.77
CA ASP A 268 5.05 1.95 -20.34
C ASP A 268 3.81 1.84 -19.42
N LEU A 269 3.64 2.79 -18.53
CA LEU A 269 2.62 2.71 -17.50
C LEU A 269 1.22 2.58 -18.09
N PHE A 270 1.01 3.20 -19.25
CA PHE A 270 -0.32 3.34 -19.87
C PHE A 270 -0.55 2.42 -21.07
N THR A 271 0.33 1.43 -21.25
CA THR A 271 0.21 0.49 -22.37
C THR A 271 0.22 -0.97 -21.86
N GLY A 272 -0.28 -1.17 -20.66
CA GLY A 272 -0.45 -2.51 -20.13
C GLY A 272 -1.72 -3.16 -20.62
N ASP A 273 -1.84 -4.47 -20.36
CA ASP A 273 -2.97 -5.27 -20.83
C ASP A 273 -3.10 -6.51 -19.94
N GLY A 274 -4.20 -7.23 -20.11
CA GLY A 274 -4.45 -8.48 -19.38
C GLY A 274 -5.15 -8.37 -18.04
N ASP A 275 -5.38 -7.14 -17.55
CA ASP A 275 -6.06 -6.93 -16.28
C ASP A 275 -6.63 -5.53 -16.28
N TYR A 276 -7.80 -5.39 -15.68
CA TYR A 276 -8.42 -4.08 -15.47
C TYR A 276 -7.47 -3.08 -14.80
N GLN A 277 -6.54 -3.58 -13.98
CA GLN A 277 -5.54 -2.74 -13.35
C GLN A 277 -4.97 -1.77 -14.36
N PHE A 278 -4.65 -2.29 -15.54
CA PHE A 278 -3.86 -1.54 -16.51
C PHE A 278 -4.71 -0.51 -17.24
N ASP A 279 -6.00 -0.77 -17.30
CA ASP A 279 -6.96 0.28 -17.66
C ASP A 279 -7.00 1.46 -16.69
N ILE A 280 -6.83 1.20 -15.39
CA ILE A 280 -6.91 2.28 -14.41
C ILE A 280 -5.84 3.39 -14.68
N TYR A 281 -4.62 2.99 -15.02
CA TYR A 281 -3.56 3.99 -15.33
C TYR A 281 -4.04 4.88 -16.49
N ARG A 282 -4.61 4.27 -17.50
CA ARG A 282 -5.12 5.02 -18.68
C ARG A 282 -6.29 5.94 -18.32
N LEU A 283 -7.21 5.44 -17.50
CA LEU A 283 -8.36 6.21 -17.04
C LEU A 283 -7.97 7.39 -16.13
N MET A 284 -6.95 7.20 -15.29
CA MET A 284 -6.42 8.30 -14.47
C MET A 284 -5.86 9.41 -15.35
N LYS A 285 -5.15 9.03 -16.41
CA LYS A 285 -4.47 9.97 -17.30
C LYS A 285 -5.50 10.77 -18.12
N LYS A 286 -6.59 10.10 -18.48
CA LYS A 286 -7.75 10.74 -19.11
C LYS A 286 -8.36 11.77 -18.14
N GLU A 287 -8.62 11.35 -16.90
CA GLU A 287 -9.22 12.24 -15.88
C GLU A 287 -8.34 13.48 -15.60
N ASN A 288 -7.03 13.28 -15.52
CA ASN A 288 -6.16 14.40 -15.13
C ASN A 288 -5.52 15.10 -16.30
N ASN A 289 -5.90 14.68 -17.51
CA ASN A 289 -5.31 15.22 -18.76
C ASN A 289 -3.80 15.21 -18.72
N ASN A 290 -3.26 14.16 -18.09
CA ASN A 290 -1.81 13.97 -17.97
C ASN A 290 -1.11 15.03 -17.12
N ARG A 291 -1.82 15.67 -16.21
CA ARG A 291 -1.24 16.67 -15.32
C ARG A 291 -1.27 16.13 -13.89
N TRP A 292 -0.17 15.45 -13.56
CA TRP A 292 -0.08 14.65 -12.35
C TRP A 292 0.15 15.50 -11.09
N GLY A 293 0.39 16.80 -11.24
CA GLY A 293 0.52 17.71 -10.10
C GLY A 293 -0.85 18.10 -9.56
N GLU A 294 -1.87 18.00 -10.42
CA GLU A 294 -3.22 18.40 -10.04
C GLU A 294 -3.84 17.36 -9.11
N TYR A 295 -4.95 17.76 -8.49
CA TYR A 295 -5.66 16.92 -7.55
C TYR A 295 -6.95 16.45 -8.17
N HIS A 296 -7.04 15.16 -8.42
CA HIS A 296 -8.20 14.54 -8.98
C HIS A 296 -8.54 13.35 -8.13
N PRO A 297 -9.30 13.56 -7.02
CA PRO A 297 -9.60 12.42 -6.16
C PRO A 297 -10.51 11.36 -6.84
N TYR A 298 -10.96 11.59 -8.06
CA TYR A 298 -11.66 10.53 -8.78
C TYR A 298 -10.74 9.33 -8.96
N SER A 299 -9.41 9.55 -8.98
CA SER A 299 -8.49 8.44 -9.12
C SER A 299 -8.70 7.38 -8.02
N ASN A 300 -9.05 7.83 -6.81
CA ASN A 300 -9.29 6.91 -5.70
C ASN A 300 -10.53 6.04 -5.93
N VAL A 301 -11.57 6.67 -6.48
CA VAL A 301 -12.81 5.98 -6.92
C VAL A 301 -12.48 4.93 -7.98
N LEU A 302 -11.60 5.27 -8.93
CA LEU A 302 -11.17 4.31 -9.98
C LEU A 302 -10.53 3.07 -9.33
N TRP A 303 -9.64 3.30 -8.35
CA TRP A 303 -8.95 2.20 -7.72
C TRP A 303 -9.88 1.35 -6.88
N LEU A 304 -10.83 2.01 -6.22
CA LEU A 304 -11.80 1.32 -5.40
C LEU A 304 -12.74 0.50 -6.27
N HIS A 305 -13.01 0.99 -7.48
CA HIS A 305 -13.74 0.22 -8.49
C HIS A 305 -12.99 -1.01 -8.94
N TYR A 306 -11.71 -0.85 -9.25
CA TYR A 306 -10.87 -1.99 -9.58
C TYR A 306 -10.89 -3.07 -8.47
N LEU A 307 -10.86 -2.60 -7.22
CA LEU A 307 -10.78 -3.47 -6.07
C LEU A 307 -12.13 -4.16 -5.86
N THR A 308 -13.20 -3.40 -6.05
CA THR A 308 -14.53 -3.97 -5.98
C THR A 308 -14.72 -5.05 -7.03
N ASP A 309 -14.21 -4.76 -8.22
CA ASP A 309 -14.19 -5.75 -9.33
C ASP A 309 -13.44 -7.05 -8.94
N LYS A 310 -12.31 -6.89 -8.26
CA LYS A 310 -11.56 -8.07 -7.81
C LYS A 310 -12.35 -8.86 -6.78
N MET A 311 -13.00 -8.16 -5.84
CA MET A 311 -13.78 -8.82 -4.83
C MET A 311 -14.86 -9.70 -5.46
N LEU A 312 -15.48 -9.24 -6.56
CA LEU A 312 -16.63 -9.88 -7.14
C LEU A 312 -16.20 -10.90 -8.19
N LYS A 313 -14.99 -10.79 -8.71
CA LYS A 313 -14.55 -11.70 -9.78
C LYS A 313 -13.36 -12.66 -9.48
N GLN A 314 -12.49 -12.31 -8.54
CA GLN A 314 -11.27 -13.07 -8.35
C GLN A 314 -11.05 -13.56 -6.91
N MET A 315 -12.10 -13.51 -6.08
CA MET A 315 -12.05 -14.06 -4.73
C MET A 315 -12.81 -15.40 -4.66
N THR A 316 -12.18 -16.43 -4.09
CA THR A 316 -12.82 -17.68 -3.73
C THR A 316 -13.05 -17.64 -2.22
N PHE A 317 -14.30 -17.41 -1.81
CA PHE A 317 -14.64 -17.26 -0.39
C PHE A 317 -14.68 -18.60 0.26
N LYS A 318 -14.25 -18.65 1.52
CA LYS A 318 -14.21 -19.92 2.26
C LYS A 318 -15.56 -20.42 2.64
N THR A 319 -16.53 -19.51 2.72
CA THR A 319 -17.92 -19.89 3.02
C THR A 319 -18.83 -19.54 1.83
N LYS A 320 -20.00 -20.17 1.79
CA LYS A 320 -20.96 -20.01 0.69
C LYS A 320 -21.95 -18.91 0.98
N CYS A 321 -22.39 -18.24 -0.07
CA CYS A 321 -23.37 -17.18 0.01
C CYS A 321 -24.74 -17.84 0.07
N ASN A 322 -25.07 -18.33 1.24
CA ASN A 322 -26.20 -19.26 1.39
C ASN A 322 -27.26 -18.81 2.40
N THR A 323 -27.21 -17.54 2.82
CA THR A 323 -28.19 -16.98 3.75
C THR A 323 -28.73 -15.70 3.13
N PRO A 324 -29.97 -15.35 3.48
CA PRO A 324 -30.57 -14.12 2.94
C PRO A 324 -29.73 -12.88 3.25
N ALA A 325 -29.21 -12.80 4.48
CA ALA A 325 -28.30 -11.71 4.82
C ALA A 325 -27.03 -11.68 3.96
N MET A 326 -26.43 -12.86 3.69
CA MET A 326 -25.21 -12.87 2.88
C MET A 326 -25.55 -12.59 1.41
N LYS A 327 -26.72 -13.05 0.96
CA LYS A 327 -27.16 -12.75 -0.41
C LYS A 327 -27.38 -11.25 -0.62
N GLN A 328 -27.92 -10.60 0.39
CA GLN A 328 -28.13 -9.16 0.32
C GLN A 328 -26.81 -8.39 0.26
N ILE A 329 -25.82 -8.79 1.07
CA ILE A 329 -24.49 -8.09 1.02
C ILE A 329 -23.88 -8.23 -0.39
N LYS A 330 -24.05 -9.41 -1.00
CA LYS A 330 -23.57 -9.63 -2.36
C LYS A 330 -24.19 -8.66 -3.36
N ARG A 331 -25.51 -8.49 -3.26
CA ARG A 331 -26.23 -7.58 -4.17
C ARG A 331 -25.77 -6.16 -3.94
N LYS A 332 -25.59 -5.80 -2.70
CA LYS A 332 -25.09 -4.47 -2.35
C LYS A 332 -23.73 -4.15 -2.94
N ILE A 333 -22.83 -5.13 -2.96
CA ILE A 333 -21.51 -4.94 -3.51
C ILE A 333 -21.61 -4.91 -5.02
N GLN A 334 -22.51 -5.69 -5.62
CA GLN A 334 -22.71 -5.63 -7.07
C GLN A 334 -23.28 -4.25 -7.44
N GLU A 335 -24.24 -3.76 -6.64
CA GLU A 335 -24.75 -2.35 -6.81
C GLU A 335 -23.64 -1.31 -6.74
N PHE A 336 -22.76 -1.49 -5.75
CA PHE A 336 -21.56 -0.64 -5.60
C PHE A 336 -20.71 -0.62 -6.89
N HIS A 337 -20.38 -1.79 -7.42
CA HIS A 337 -19.58 -1.96 -8.66
C HIS A 337 -20.25 -1.22 -9.83
N ARG A 338 -21.57 -1.31 -9.93
CA ARG A 338 -22.35 -0.68 -10.98
C ARG A 338 -22.61 0.79 -10.89
N THR A 339 -22.33 1.43 -9.74
CA THR A 339 -22.72 2.83 -9.50
C THR A 339 -21.57 3.73 -9.01
N MET A 340 -20.54 3.15 -8.43
CA MET A 340 -19.52 3.91 -7.72
C MET A 340 -18.74 4.89 -8.60
N LEU A 341 -18.65 4.59 -9.90
CA LEU A 341 -17.92 5.45 -10.83
C LEU A 341 -18.66 6.73 -11.09
N ASN A 342 -19.90 6.84 -10.61
CA ASN A 342 -20.66 8.08 -10.68
C ASN A 342 -20.54 8.97 -9.41
N PHE A 343 -19.50 8.73 -8.60
CA PHE A 343 -19.16 9.58 -7.45
C PHE A 343 -17.82 10.25 -7.68
N SER A 344 -17.53 11.32 -6.94
CA SER A 344 -16.42 12.22 -7.30
C SER A 344 -15.11 12.04 -6.52
N SER A 345 -15.14 11.21 -5.50
CA SER A 345 -14.04 11.08 -4.53
C SER A 345 -14.39 9.92 -3.62
N ALA A 346 -13.42 9.44 -2.87
CA ALA A 346 -13.67 8.43 -1.86
C ALA A 346 -14.53 9.07 -0.76
N THR A 347 -14.27 10.34 -0.49
CA THR A 347 -15.06 11.05 0.51
C THR A 347 -16.53 11.03 0.11
N ASP A 348 -16.85 11.29 -1.17
CA ASP A 348 -18.25 11.35 -1.66
C ASP A 348 -18.92 10.00 -1.52
N LEU A 349 -18.21 8.95 -1.92
CA LEU A 349 -18.72 7.60 -1.85
C LEU A 349 -19.05 7.21 -0.41
N LEU A 350 -18.11 7.52 0.49
CA LEU A 350 -18.22 7.11 1.89
C LEU A 350 -19.38 7.84 2.55
N CYS A 351 -19.55 9.13 2.20
CA CYS A 351 -20.62 9.92 2.79
C CYS A 351 -21.98 9.70 2.17
N GLN A 352 -22.00 9.34 0.89
CA GLN A 352 -23.27 9.29 0.12
C GLN A 352 -23.67 7.88 -0.33
N HIS A 353 -22.73 6.96 -0.55
CA HIS A 353 -23.13 5.67 -1.10
C HIS A 353 -23.98 4.81 -0.15
N SER A 354 -25.05 4.23 -0.68
CA SER A 354 -25.93 3.38 0.06
C SER A 354 -25.23 2.17 0.71
N LEU A 355 -24.15 1.68 0.11
CA LEU A 355 -23.47 0.52 0.64
C LEU A 355 -23.11 0.71 2.12
N PHE A 356 -22.74 1.94 2.52
CA PHE A 356 -22.25 2.21 3.88
C PHE A 356 -23.27 2.71 4.88
N LYS A 357 -24.55 2.68 4.53
CA LYS A 357 -25.60 3.21 5.38
C LYS A 357 -26.26 2.10 6.20
#